data_8AR9
#
_entry.id   8AR9
#
_cell.length_a   99.986
_cell.length_b   54.822
_cell.length_c   44.299
_cell.angle_alpha   90.000
_cell.angle_beta   119.520
_cell.angle_gamma   90.000
#
_symmetry.space_group_name_H-M   'C 1 2 1'
#
loop_
_entity.id
_entity.type
_entity.pdbx_description
1 polymer 'Nuclear receptor coactivator 7'
2 water water
#
_entity_poly.entity_id   1
_entity_poly.type   'polypeptide(L)'
_entity_poly.pdbx_seq_one_letter_code
;MGSSHHHHHHSSGLVPRGSHMALLENMHIEQLARRLPARVQGYPWRLAYSTLEHGTSLKTLYRKSASLDSPVLLVIKDMD
NQIFGAYATHPFKFSDHYYGTGETFLYTFSPHFKVFKWSGENSYFINGDISSLELGGGGGRFGLWLDADLYHGRSNSCST
FNNDILSKKEDFIVQDLEVWAFD
;
_entity_poly.pdbx_strand_id   A
#
# COMPACT_ATOMS: atom_id res chain seq x y z
N MET A 21 -0.51 0.04 -15.43
CA MET A 21 -0.97 0.47 -16.75
C MET A 21 -1.75 1.78 -16.69
N ALA A 22 -2.78 1.85 -15.85
CA ALA A 22 -3.67 2.99 -15.83
C ALA A 22 -3.20 4.12 -14.91
N LEU A 23 -2.66 3.77 -13.73
CA LEU A 23 -2.11 4.77 -12.84
C LEU A 23 -0.60 4.95 -12.99
N LEU A 24 0.12 3.89 -13.36
CA LEU A 24 1.56 3.94 -13.46
C LEU A 24 1.99 4.13 -14.90
N GLU A 25 3.05 4.92 -15.09
CA GLU A 25 3.75 4.99 -16.37
C GLU A 25 5.01 4.13 -16.30
N ASN A 26 5.65 3.95 -17.46
CA ASN A 26 6.84 3.11 -17.53
C ASN A 26 7.92 3.60 -16.57
N MET A 27 7.96 4.90 -16.28
CA MET A 27 8.87 5.43 -15.27
C MET A 27 8.59 4.80 -13.90
N HIS A 28 7.32 4.71 -13.52
CA HIS A 28 6.97 4.19 -12.21
C HIS A 28 7.25 2.70 -12.11
N ILE A 29 6.97 1.95 -13.19
CA ILE A 29 7.12 0.50 -13.15
C ILE A 29 8.59 0.12 -13.02
N GLU A 30 9.47 0.85 -13.69
CA GLU A 30 10.88 0.49 -13.67
C GLU A 30 11.52 0.79 -12.32
N GLN A 31 11.19 1.94 -11.74
CA GLN A 31 11.75 2.30 -10.43
C GLN A 31 11.19 1.42 -9.33
N LEU A 32 9.95 0.94 -9.48
CA LEU A 32 9.39 0.00 -8.52
C LEU A 32 9.97 -1.39 -8.70
N ALA A 33 10.14 -1.82 -9.95
CA ALA A 33 10.65 -3.17 -10.20
C ALA A 33 12.05 -3.34 -9.63
N ARG A 34 12.84 -2.27 -9.59
CA ARG A 34 14.21 -2.35 -9.10
C ARG A 34 14.30 -2.48 -7.59
N ARG A 35 13.20 -2.24 -6.86
CA ARG A 35 13.21 -2.32 -5.40
C ARG A 35 12.31 -3.43 -4.87
N LEU A 36 11.70 -4.22 -5.75
CA LEU A 36 10.92 -5.36 -5.31
C LEU A 36 11.85 -6.48 -4.86
N PRO A 37 11.48 -7.24 -3.83
CA PRO A 37 12.34 -8.33 -3.37
C PRO A 37 12.49 -9.41 -4.44
N ALA A 38 13.48 -10.27 -4.22
CA ALA A 38 13.85 -11.26 -5.24
C ALA A 38 12.73 -12.25 -5.51
N ARG A 39 11.87 -12.51 -4.53
CA ARG A 39 10.88 -13.56 -4.68
C ARG A 39 9.74 -13.20 -5.61
N VAL A 40 9.62 -11.94 -6.01
CA VAL A 40 8.61 -11.53 -6.99
C VAL A 40 9.23 -11.05 -8.29
N GLN A 41 10.55 -10.93 -8.36
CA GLN A 41 11.21 -10.49 -9.59
C GLN A 41 10.83 -11.40 -10.75
N GLY A 42 10.44 -10.78 -11.87
CA GLY A 42 10.07 -11.57 -13.03
C GLY A 42 8.70 -12.21 -12.95
N TYR A 43 7.91 -11.89 -11.92
CA TYR A 43 6.52 -12.34 -11.89
C TYR A 43 5.64 -11.30 -12.56
N PRO A 44 4.79 -11.69 -13.51
CA PRO A 44 3.90 -10.72 -14.15
C PRO A 44 2.94 -10.10 -13.15
N TRP A 45 2.58 -8.85 -13.40
CA TRP A 45 1.67 -8.11 -12.54
C TRP A 45 0.23 -8.34 -12.99
N ARG A 46 -0.62 -8.78 -12.08
CA ARG A 46 -2.04 -8.96 -12.34
C ARG A 46 -2.83 -7.93 -11.53
N LEU A 47 -3.70 -7.19 -12.21
CA LEU A 47 -4.58 -6.25 -11.52
C LEU A 47 -5.65 -7.04 -10.76
N ALA A 48 -5.66 -6.91 -9.44
CA ALA A 48 -6.58 -7.63 -8.57
C ALA A 48 -7.74 -6.77 -8.10
N TYR A 49 -7.49 -5.50 -7.79
CA TYR A 49 -8.54 -4.58 -7.37
C TYR A 49 -8.26 -3.20 -7.95
N SER A 50 -9.33 -2.51 -8.35
CA SER A 50 -9.21 -1.17 -8.91
C SER A 50 -10.45 -0.37 -8.54
N THR A 51 -10.23 0.83 -7.99
CA THR A 51 -11.36 1.71 -7.72
C THR A 51 -12.09 2.08 -9.01
N LEU A 52 -11.34 2.22 -10.11
CA LEU A 52 -11.95 2.59 -11.38
C LEU A 52 -12.90 1.51 -11.90
N GLU A 53 -12.70 0.27 -11.48
CA GLU A 53 -13.37 -0.85 -12.12
C GLU A 53 -14.31 -1.66 -11.22
N HIS A 54 -14.14 -1.62 -9.90
CA HIS A 54 -14.72 -2.67 -9.06
C HIS A 54 -15.69 -2.19 -8.00
N GLY A 55 -15.69 -0.91 -7.64
CA GLY A 55 -16.55 -0.48 -6.57
C GLY A 55 -15.73 -0.03 -5.37
N THR A 56 -15.80 1.25 -5.07
CA THR A 56 -14.87 1.89 -4.15
C THR A 56 -15.37 1.68 -2.73
N SER A 57 -14.77 0.71 -2.04
CA SER A 57 -15.12 0.36 -0.68
C SER A 57 -14.06 -0.59 -0.16
N LEU A 58 -13.67 -0.41 1.11
CA LEU A 58 -12.73 -1.33 1.73
C LEU A 58 -13.29 -2.75 1.71
N LYS A 59 -14.61 -2.89 1.85
CA LYS A 59 -15.25 -4.19 1.73
C LYS A 59 -14.95 -4.86 0.40
N THR A 60 -15.14 -4.13 -0.70
CA THR A 60 -14.85 -4.70 -2.02
C THR A 60 -13.37 -5.05 -2.15
N LEU A 61 -12.48 -4.21 -1.62
CA LEU A 61 -11.07 -4.53 -1.61
C LEU A 61 -10.83 -5.88 -0.94
N TYR A 62 -11.49 -6.10 0.21
CA TYR A 62 -11.32 -7.36 0.93
C TYR A 62 -11.81 -8.54 0.10
N ARG A 63 -12.94 -8.37 -0.60
CA ARG A 63 -13.49 -9.49 -1.37
C ARG A 63 -12.58 -9.86 -2.53
N LYS A 64 -12.04 -8.86 -3.25
CA LYS A 64 -11.11 -9.16 -4.32
C LYS A 64 -9.80 -9.71 -3.77
N SER A 65 -9.34 -9.18 -2.63
CA SER A 65 -8.08 -9.66 -2.06
C SER A 65 -8.22 -11.04 -1.46
N ALA A 66 -9.43 -11.42 -1.05
CA ALA A 66 -9.66 -12.80 -0.63
C ALA A 66 -9.34 -13.74 -1.78
N SER A 67 -8.77 -14.89 -1.46
CA SER A 67 -8.31 -15.87 -2.45
C SER A 67 -7.22 -15.29 -3.36
N LEU A 68 -6.49 -14.29 -2.86
CA LEU A 68 -5.17 -13.97 -3.40
C LEU A 68 -4.13 -14.72 -2.58
N ASP A 69 -3.16 -15.31 -3.26
CA ASP A 69 -2.18 -16.18 -2.62
C ASP A 69 -0.76 -15.69 -2.90
N SER A 70 -0.56 -14.38 -2.88
CA SER A 70 0.70 -13.79 -3.30
C SER A 70 0.86 -12.45 -2.60
N PRO A 71 2.06 -11.86 -2.65
CA PRO A 71 2.21 -10.48 -2.23
C PRO A 71 1.53 -9.53 -3.21
N VAL A 72 1.23 -8.32 -2.73
CA VAL A 72 0.48 -7.35 -3.50
C VAL A 72 1.21 -6.01 -3.51
N LEU A 73 0.89 -5.20 -4.52
CA LEU A 73 1.40 -3.84 -4.66
C LEU A 73 0.23 -2.87 -4.55
N LEU A 74 0.26 -1.98 -3.56
CA LEU A 74 -0.76 -0.97 -3.40
C LEU A 74 -0.33 0.33 -4.08
N VAL A 75 -1.18 0.84 -4.97
CA VAL A 75 -0.90 2.05 -5.72
C VAL A 75 -2.01 3.05 -5.41
N ILE A 76 -1.63 4.19 -4.86
CA ILE A 76 -2.56 5.27 -4.52
C ILE A 76 -2.17 6.49 -5.33
N LYS A 77 -3.16 7.11 -5.97
CA LYS A 77 -3.02 8.40 -6.63
C LYS A 77 -4.00 9.34 -5.93
N ASP A 78 -3.49 10.34 -5.24
CA ASP A 78 -4.36 11.21 -4.46
C ASP A 78 -4.85 12.39 -5.31
N MET A 79 -5.68 13.24 -4.69
CA MET A 79 -6.29 14.37 -5.38
C MET A 79 -5.28 15.44 -5.77
N ASP A 80 -4.04 15.36 -5.30
CA ASP A 80 -2.97 16.22 -5.78
C ASP A 80 -2.16 15.55 -6.89
N ASN A 81 -2.64 14.42 -7.40
CA ASN A 81 -2.02 13.63 -8.46
C ASN A 81 -0.69 13.01 -8.05
N GLN A 82 -0.37 12.99 -6.76
CA GLN A 82 0.86 12.36 -6.30
C GLN A 82 0.63 10.87 -6.11
N ILE A 83 1.66 10.08 -6.41
CA ILE A 83 1.54 8.62 -6.48
C ILE A 83 2.41 7.99 -5.41
N PHE A 84 1.81 7.16 -4.57
CA PHE A 84 2.50 6.50 -3.47
C PHE A 84 1.70 5.26 -3.09
N GLY A 85 2.24 4.50 -2.14
CA GLY A 85 1.57 3.30 -1.70
C GLY A 85 2.45 2.37 -0.91
N ALA A 86 2.39 1.08 -1.22
CA ALA A 86 3.09 0.08 -0.43
C ALA A 86 3.23 -1.21 -1.23
N TYR A 87 4.26 -1.96 -0.91
CA TYR A 87 4.38 -3.35 -1.29
C TYR A 87 4.15 -4.19 -0.05
N ALA A 88 3.23 -5.16 -0.14
CA ALA A 88 2.84 -5.97 1.00
C ALA A 88 3.09 -7.44 0.67
N THR A 89 3.72 -8.15 1.62
CA THR A 89 4.06 -9.55 1.44
C THR A 89 2.83 -10.46 1.47
N HIS A 90 1.66 -9.95 1.84
CA HIS A 90 0.46 -10.76 1.97
C HIS A 90 -0.74 -9.94 1.52
N PRO A 91 -1.77 -10.59 1.00
CA PRO A 91 -2.96 -9.86 0.56
C PRO A 91 -3.65 -9.15 1.72
N PHE A 92 -4.23 -8.00 1.43
CA PHE A 92 -4.95 -7.25 2.43
C PHE A 92 -6.20 -8.02 2.87
N LYS A 93 -6.39 -8.12 4.18
CA LYS A 93 -7.48 -8.92 4.72
C LYS A 93 -7.86 -8.37 6.09
N PHE A 94 -9.12 -8.61 6.47
CA PHE A 94 -9.55 -8.25 7.81
C PHE A 94 -8.84 -9.12 8.83
N SER A 95 -8.23 -8.50 9.83
CA SER A 95 -7.33 -9.22 10.72
C SER A 95 -7.55 -8.78 12.16
N ASP A 96 -7.58 -9.76 13.06
CA ASP A 96 -7.55 -9.50 14.48
C ASP A 96 -6.23 -8.90 14.94
N HIS A 97 -5.22 -8.89 14.07
CA HIS A 97 -3.84 -8.73 14.49
C HIS A 97 -3.04 -8.13 13.34
N TYR A 98 -1.85 -7.63 13.68
CA TYR A 98 -0.90 -7.25 12.66
C TYR A 98 -0.31 -8.51 12.01
N TYR A 99 -0.03 -8.41 10.71
CA TYR A 99 0.52 -9.52 9.96
C TYR A 99 1.42 -8.96 8.85
N GLY A 100 2.09 -9.87 8.14
CA GLY A 100 3.08 -9.51 7.16
C GLY A 100 4.49 -9.70 7.69
N THR A 101 5.45 -9.67 6.76
CA THR A 101 6.87 -9.83 7.10
C THR A 101 7.63 -8.54 6.76
N GLY A 102 8.94 -8.57 7.05
CA GLY A 102 9.80 -7.41 6.91
C GLY A 102 10.12 -7.00 5.49
N GLU A 103 9.77 -7.81 4.49
CA GLU A 103 9.96 -7.38 3.11
C GLU A 103 8.95 -6.31 2.71
N THR A 104 7.95 -6.04 3.55
CA THR A 104 6.98 -4.99 3.29
C THR A 104 7.65 -3.63 3.40
N PHE A 105 7.32 -2.73 2.46
CA PHE A 105 7.85 -1.38 2.50
C PHE A 105 6.80 -0.40 1.97
N LEU A 106 7.03 0.87 2.24
CA LEU A 106 6.25 1.97 1.72
C LEU A 106 7.05 2.71 0.65
N TYR A 107 6.34 3.40 -0.24
CA TYR A 107 7.00 4.12 -1.31
C TYR A 107 6.17 5.34 -1.68
N THR A 108 6.85 6.37 -2.17
CA THR A 108 6.21 7.56 -2.69
C THR A 108 7.03 8.08 -3.87
N PHE A 109 6.35 8.74 -4.80
CA PHE A 109 7.02 9.44 -5.88
C PHE A 109 7.01 10.94 -5.67
N SER A 110 6.60 11.40 -4.48
CA SER A 110 6.47 12.81 -4.17
C SER A 110 7.28 13.12 -2.93
N PRO A 111 8.21 14.09 -2.96
CA PRO A 111 8.60 14.92 -4.11
C PRO A 111 9.55 14.20 -5.05
N HIS A 112 10.06 13.04 -4.64
CA HIS A 112 10.84 12.18 -5.50
C HIS A 112 10.61 10.75 -5.07
N PHE A 113 10.88 9.81 -5.98
CA PHE A 113 10.77 8.40 -5.65
C PHE A 113 11.64 8.06 -4.44
N LYS A 114 11.03 7.45 -3.43
CA LYS A 114 11.77 7.02 -2.26
C LYS A 114 11.05 5.84 -1.63
N VAL A 115 11.84 4.86 -1.20
CA VAL A 115 11.34 3.63 -0.59
C VAL A 115 11.75 3.61 0.88
N PHE A 116 10.81 3.27 1.75
CA PHE A 116 11.05 3.17 3.19
C PHE A 116 10.82 1.72 3.60
N LYS A 117 11.91 1.01 3.84
CA LYS A 117 11.88 -0.41 4.13
C LYS A 117 11.77 -0.65 5.64
N TRP A 118 11.67 -1.92 6.00
CA TRP A 118 11.54 -2.31 7.39
C TRP A 118 12.74 -1.84 8.21
N SER A 119 12.45 -1.13 9.30
CA SER A 119 13.51 -0.62 10.17
C SER A 119 13.99 -1.63 11.20
N GLY A 120 13.24 -2.73 11.40
CA GLY A 120 13.58 -3.69 12.42
C GLY A 120 13.11 -3.34 13.81
N GLU A 121 12.46 -2.18 13.98
CA GLU A 121 12.06 -1.74 15.31
C GLU A 121 10.82 -2.48 15.80
N ASN A 122 9.84 -2.71 14.93
CA ASN A 122 8.68 -3.50 15.27
C ASN A 122 8.26 -4.30 14.03
N SER A 123 7.18 -5.05 14.18
CA SER A 123 6.66 -5.89 13.10
C SER A 123 5.20 -5.55 12.79
N TYR A 124 4.81 -4.30 13.02
CA TYR A 124 3.42 -3.86 12.80
C TYR A 124 3.24 -3.50 11.33
N PHE A 125 3.21 -4.52 10.49
CA PHE A 125 3.25 -4.30 9.04
C PHE A 125 1.88 -3.98 8.45
N ILE A 126 0.95 -4.94 8.50
CA ILE A 126 -0.38 -4.77 7.92
C ILE A 126 -1.41 -5.02 9.00
N ASN A 127 -2.46 -4.19 9.02
CA ASN A 127 -3.57 -4.35 9.97
C ASN A 127 -4.86 -4.02 9.23
N GLY A 128 -5.62 -5.06 8.88
CA GLY A 128 -6.93 -4.87 8.28
C GLY A 128 -8.02 -4.81 9.35
N ASP A 129 -8.92 -3.84 9.21
CA ASP A 129 -10.02 -3.63 10.12
C ASP A 129 -11.31 -3.55 9.31
N ILE A 130 -12.45 -3.52 9.99
CA ILE A 130 -13.71 -3.34 9.27
C ILE A 130 -13.86 -1.89 8.82
N SER A 131 -13.36 -0.94 9.59
CA SER A 131 -13.52 0.46 9.27
C SER A 131 -12.33 1.05 8.53
N SER A 132 -11.13 0.47 8.70
CA SER A 132 -9.94 1.08 8.16
C SER A 132 -8.94 -0.01 7.75
N LEU A 133 -7.93 0.42 7.00
CA LEU A 133 -6.80 -0.41 6.62
C LEU A 133 -5.54 0.41 6.85
N GLU A 134 -4.61 -0.11 7.64
CA GLU A 134 -3.41 0.66 7.92
C GLU A 134 -2.17 -0.21 7.86
N LEU A 135 -1.10 0.37 7.31
CA LEU A 135 0.22 -0.24 7.30
C LEU A 135 1.16 0.56 8.19
N GLY A 136 2.00 -0.14 8.94
CA GLY A 136 2.84 0.54 9.89
C GLY A 136 2.16 0.73 11.23
N GLY A 137 2.96 0.73 12.28
CA GLY A 137 2.41 0.87 13.62
C GLY A 137 3.50 1.18 14.62
N GLY A 138 3.07 1.36 15.87
CA GLY A 138 3.99 1.69 16.93
C GLY A 138 3.65 3.00 17.61
N GLY A 139 3.19 2.92 18.85
CA GLY A 139 2.88 4.11 19.62
C GLY A 139 1.72 4.92 19.07
N GLY A 140 0.79 4.28 18.37
CA GLY A 140 -0.39 4.97 17.88
C GLY A 140 -0.31 5.38 16.42
N ARG A 141 0.86 5.81 15.98
CA ARG A 141 0.99 6.29 14.61
C ARG A 141 0.94 5.13 13.63
N PHE A 142 0.98 5.47 12.35
CA PHE A 142 0.91 4.49 11.26
C PHE A 142 1.57 5.11 10.04
N GLY A 143 1.97 4.26 9.10
CA GLY A 143 2.56 4.73 7.87
C GLY A 143 1.51 5.13 6.86
N LEU A 144 0.52 4.27 6.66
CA LEU A 144 -0.54 4.48 5.70
C LEU A 144 -1.87 4.11 6.35
N TRP A 145 -2.90 4.93 6.11
CA TRP A 145 -4.21 4.72 6.68
C TRP A 145 -5.27 5.04 5.64
N LEU A 146 -6.25 4.16 5.48
CA LEU A 146 -7.36 4.34 4.56
C LEU A 146 -8.66 4.03 5.29
N ASP A 147 -9.72 4.76 4.96
CA ASP A 147 -11.01 4.53 5.61
C ASP A 147 -11.84 3.50 4.83
N ALA A 148 -13.04 3.23 5.32
CA ALA A 148 -13.86 2.18 4.74
C ALA A 148 -14.30 2.48 3.32
N ASP A 149 -14.31 3.75 2.92
CA ASP A 149 -14.69 4.14 1.57
C ASP A 149 -13.50 4.24 0.63
N LEU A 150 -12.28 3.98 1.11
CA LEU A 150 -11.07 4.25 0.34
C LEU A 150 -11.08 5.69 -0.17
N TYR A 151 -11.42 6.60 0.73
CA TYR A 151 -11.58 8.03 0.39
C TYR A 151 -10.61 8.88 1.21
N HIS A 152 -10.89 9.08 2.50
CA HIS A 152 -9.96 9.79 3.37
C HIS A 152 -8.79 8.89 3.71
N GLY A 153 -7.58 9.32 3.35
CA GLY A 153 -6.38 8.61 3.71
C GLY A 153 -5.49 9.44 4.61
N ARG A 154 -4.55 8.79 5.31
CA ARG A 154 -3.66 9.52 6.19
C ARG A 154 -2.30 8.82 6.19
N SER A 155 -1.25 9.61 6.37
CA SER A 155 0.13 9.11 6.34
C SER A 155 0.96 9.87 7.37
N ASN A 156 1.52 9.14 8.33
CA ASN A 156 2.48 9.66 9.29
C ASN A 156 3.79 8.90 9.18
N SER A 157 4.82 9.43 9.83
CA SER A 157 6.06 8.70 10.02
C SER A 157 5.87 7.67 11.13
N CYS A 158 6.21 6.42 10.84
CA CYS A 158 6.04 5.34 11.80
C CYS A 158 7.34 4.59 11.98
N SER A 159 7.44 3.86 13.10
CA SER A 159 8.67 3.17 13.45
C SER A 159 8.90 1.96 12.57
N THR A 160 7.85 1.37 12.01
CA THR A 160 8.00 0.17 11.20
C THR A 160 8.85 0.44 9.96
N PHE A 161 8.76 1.64 9.42
CA PHE A 161 9.46 1.97 8.17
C PHE A 161 10.29 3.24 8.25
N ASN A 162 10.14 4.06 9.30
CA ASN A 162 10.86 5.32 9.44
C ASN A 162 10.68 6.18 8.20
N ASN A 163 9.49 6.11 7.61
CA ASN A 163 9.14 6.88 6.42
C ASN A 163 8.88 8.33 6.77
N ASP A 164 9.03 9.21 5.78
CA ASP A 164 8.41 10.51 5.92
C ASP A 164 6.99 10.42 5.36
N ILE A 165 6.27 11.54 5.41
CA ILE A 165 4.86 11.54 5.00
C ILE A 165 4.79 11.21 3.52
N LEU A 166 4.11 10.12 3.19
CA LEU A 166 4.03 9.66 1.81
C LEU A 166 3.37 10.71 0.91
N SER A 167 2.43 11.47 1.44
CA SER A 167 1.64 12.42 0.69
C SER A 167 2.19 13.84 0.89
N LYS A 168 1.46 14.82 0.37
CA LYS A 168 1.78 16.22 0.59
C LYS A 168 1.61 16.56 2.06
N LYS A 169 0.37 16.53 2.54
CA LYS A 169 0.05 16.72 3.94
C LYS A 169 -0.11 15.36 4.63
N GLU A 170 -0.29 15.41 5.95
CA GLU A 170 -0.69 14.22 6.69
C GLU A 170 -1.96 13.61 6.11
N ASP A 171 -2.95 14.46 5.80
CA ASP A 171 -4.23 14.01 5.29
C ASP A 171 -4.25 14.12 3.77
N PHE A 172 -4.86 13.12 3.12
CA PHE A 172 -5.00 13.12 1.68
C PHE A 172 -6.32 12.45 1.32
N ILE A 173 -6.72 12.63 0.05
CA ILE A 173 -7.95 12.07 -0.49
C ILE A 173 -7.58 11.12 -1.61
N VAL A 174 -8.14 9.92 -1.59
CA VAL A 174 -7.85 8.94 -2.63
C VAL A 174 -8.58 9.32 -3.91
N GLN A 175 -7.82 9.55 -4.98
CA GLN A 175 -8.45 9.72 -6.29
C GLN A 175 -8.62 8.38 -6.99
N ASP A 176 -7.54 7.61 -7.10
CA ASP A 176 -7.59 6.26 -7.65
C ASP A 176 -6.68 5.36 -6.84
N LEU A 177 -7.08 4.09 -6.73
CA LEU A 177 -6.34 3.13 -5.92
C LEU A 177 -6.39 1.79 -6.62
N GLU A 178 -5.23 1.17 -6.80
CA GLU A 178 -5.11 -0.13 -7.44
C GLU A 178 -4.34 -1.08 -6.54
N VAL A 179 -4.73 -2.36 -6.61
CA VAL A 179 -4.01 -3.44 -5.93
C VAL A 179 -3.57 -4.43 -6.99
N TRP A 180 -2.27 -4.64 -7.10
CA TRP A 180 -1.69 -5.56 -8.07
C TRP A 180 -1.09 -6.76 -7.36
N ALA A 181 -1.31 -7.95 -7.93
CA ALA A 181 -0.79 -9.19 -7.40
C ALA A 181 0.24 -9.78 -8.35
N PHE A 182 0.97 -10.78 -7.86
CA PHE A 182 2.02 -11.42 -8.65
C PHE A 182 1.75 -12.92 -8.78
N ASP A 183 0.63 -13.29 -9.40
CA ASP A 183 0.31 -14.69 -9.64
C ASP A 183 1.33 -15.34 -10.55
#